data_3E7H
#
_entry.id   3E7H
#
_cell.length_a   65.035
_cell.length_b   65.035
_cell.length_c   115.981
_cell.angle_alpha   90.00
_cell.angle_beta   90.00
_cell.angle_gamma   90.00
#
_symmetry.space_group_name_H-M   'P 43 21 2'
#
loop_
_entity.id
_entity.type
_entity.pdbx_description
1 polymer 'DNA-directed RNA polymerase subunit beta'
2 water water
#
_entity_poly.entity_id   1
_entity_poly.type   'polypeptide(L)'
_entity_poly.pdbx_seq_one_letter_code
;AVNFEVKDQTLMMELVPERLRGETATFDIEADGKVYVEKGRRVTARHIRQLEKDGVNFIEVPVEYIVGKVSAKDYVNEAT
GELIITANQEISLEALANLSQAG
;
_entity_poly.pdbx_strand_id   A,B
#
# COMPACT_ATOMS: atom_id res chain seq x y z
N ALA A 1 14.58 -19.23 -2.14
CA ALA A 1 15.90 -18.73 -1.73
C ALA A 1 15.77 -17.67 -0.63
N VAL A 2 14.70 -16.89 -0.65
CA VAL A 2 14.54 -15.80 0.31
C VAL A 2 13.11 -15.91 0.88
N ASN A 3 13.01 -16.06 2.20
CA ASN A 3 11.73 -16.01 2.90
C ASN A 3 11.65 -14.76 3.73
N PHE A 4 10.47 -14.18 3.81
CA PHE A 4 10.33 -12.88 4.45
C PHE A 4 9.13 -13.02 5.36
N GLU A 5 9.37 -13.23 6.66
CA GLU A 5 8.33 -13.38 7.67
C GLU A 5 7.98 -12.07 8.37
N VAL A 6 6.73 -11.65 8.26
CA VAL A 6 6.29 -10.40 8.84
C VAL A 6 6.04 -10.56 10.34
N LYS A 7 6.72 -9.76 11.16
CA LYS A 7 6.53 -9.77 12.59
C LYS A 7 5.58 -8.69 13.07
N ASP A 8 5.52 -7.58 12.35
CA ASP A 8 4.62 -6.49 12.71
C ASP A 8 4.44 -5.60 11.48
N GLN A 9 3.39 -4.79 11.50
CA GLN A 9 3.09 -3.90 10.38
C GLN A 9 2.33 -2.69 10.92
N THR A 10 2.62 -1.52 10.37
CA THR A 10 1.99 -0.28 10.78
C THR A 10 1.80 0.55 9.52
N LEU A 11 0.68 1.25 9.47
CA LEU A 11 0.42 2.27 8.44
C LEU A 11 0.37 3.63 9.11
N MET A 12 1.01 4.59 8.49
CA MET A 12 0.93 5.98 8.97
C MET A 12 0.53 6.89 7.85
N MET A 13 -0.22 7.93 8.21
CA MET A 13 -0.67 8.91 7.24
C MET A 13 -0.54 10.31 7.86
N GLU A 14 -0.40 11.29 6.99
CA GLU A 14 -0.17 12.68 7.42
C GLU A 14 -1.40 13.22 8.06
N LEU A 15 -1.24 13.83 9.24
CA LEU A 15 -2.34 14.38 9.99
C LEU A 15 -2.79 15.70 9.36
N VAL A 16 -4.10 15.93 9.33
CA VAL A 16 -4.67 17.21 8.93
C VAL A 16 -5.36 17.71 10.21
N PRO A 17 -4.59 18.41 11.05
CA PRO A 17 -5.08 18.72 12.39
C PRO A 17 -6.35 19.56 12.45
N GLU A 18 -6.50 20.42 11.46
CA GLU A 18 -7.69 21.27 11.33
C GLU A 18 -9.00 20.47 11.18
N ARG A 19 -8.93 19.22 10.69
CA ARG A 19 -10.12 18.36 10.54
C ARG A 19 -10.29 17.36 11.71
N LEU A 20 -9.31 17.29 12.60
CA LEU A 20 -9.38 16.30 13.70
C LEU A 20 -10.13 16.84 14.94
N ARG A 21 -9.98 18.13 15.18
CA ARG A 21 -10.61 18.74 16.32
C ARG A 21 -12.11 18.46 16.34
N GLY A 22 -12.64 17.98 17.44
CA GLY A 22 -14.05 17.69 17.55
C GLY A 22 -14.49 16.30 17.13
N GLU A 23 -13.65 15.57 16.43
CA GLU A 23 -13.97 14.17 16.10
C GLU A 23 -13.97 13.30 17.31
N THR A 24 -14.80 12.28 17.31
CA THR A 24 -14.70 11.23 18.28
C THR A 24 -13.81 10.14 17.70
N ALA A 25 -12.70 9.85 18.37
CA ALA A 25 -11.68 8.95 17.82
C ALA A 25 -12.30 7.56 17.72
N THR A 26 -12.16 6.95 16.55
CA THR A 26 -12.60 5.56 16.34
C THR A 26 -11.44 4.55 16.45
N PHE A 27 -10.22 5.07 16.51
CA PHE A 27 -9.02 4.31 16.88
C PHE A 27 -8.11 5.25 17.64
N ASP A 28 -7.28 4.72 18.53
CA ASP A 28 -6.36 5.59 19.25
C ASP A 28 -5.55 6.46 18.27
N ILE A 29 -5.39 7.74 18.63
CA ILE A 29 -4.58 8.68 17.89
C ILE A 29 -3.21 8.62 18.55
N GLU A 30 -2.24 8.08 17.80
CA GLU A 30 -0.95 7.77 18.34
C GLU A 30 0.17 7.88 17.32
N ALA A 31 1.37 8.05 17.86
CA ALA A 31 2.59 7.98 17.05
C ALA A 31 3.77 7.69 17.96
N ASP A 32 4.68 6.83 17.47
CA ASP A 32 5.91 6.56 18.18
C ASP A 32 5.68 6.07 19.60
N GLY A 33 4.66 5.24 19.77
CA GLY A 33 4.33 4.63 21.04
C GLY A 33 3.57 5.47 22.05
N LYS A 34 3.24 6.71 21.70
CA LYS A 34 2.55 7.64 22.60
C LYS A 34 1.11 7.79 22.07
N VAL A 35 0.13 7.55 22.92
CA VAL A 35 -1.26 7.76 22.59
C VAL A 35 -1.68 9.16 23.04
N TYR A 36 -2.16 9.96 22.08
CA TYR A 36 -2.59 11.35 22.31
C TYR A 36 -4.07 11.46 22.60
N VAL A 37 -4.88 10.63 21.92
CA VAL A 37 -6.31 10.57 22.19
C VAL A 37 -6.73 9.11 22.13
N GLU A 38 -7.39 8.65 23.19
CA GLU A 38 -7.87 7.28 23.23
C GLU A 38 -9.16 7.17 22.43
N LYS A 39 -9.33 6.01 21.80
CA LYS A 39 -10.55 5.66 21.11
C LYS A 39 -11.74 5.99 21.98
N GLY A 40 -12.73 6.67 21.40
CA GLY A 40 -13.99 6.98 22.05
C GLY A 40 -14.04 8.38 22.65
N ARG A 41 -12.88 9.00 22.78
CA ARG A 41 -12.79 10.39 23.27
C ARG A 41 -12.97 11.38 22.11
N ARG A 42 -13.57 12.53 22.43
CA ARG A 42 -13.68 13.58 21.48
C ARG A 42 -12.40 14.43 21.57
N VAL A 43 -11.80 14.67 20.43
CA VAL A 43 -10.55 15.39 20.36
C VAL A 43 -10.73 16.86 20.73
N THR A 44 -9.98 17.33 21.72
CA THR A 44 -10.01 18.72 22.18
C THR A 44 -8.93 19.58 21.50
N ALA A 45 -9.04 20.90 21.66
CA ALA A 45 -8.02 21.81 21.15
C ALA A 45 -6.65 21.48 21.76
N ARG A 46 -6.64 21.12 23.03
CA ARG A 46 -5.36 20.78 23.66
C ARG A 46 -4.69 19.58 23.01
N HIS A 47 -5.48 18.53 22.76
CA HIS A 47 -4.96 17.34 22.01
C HIS A 47 -4.25 17.76 20.73
N ILE A 48 -4.88 18.65 19.97
CA ILE A 48 -4.29 19.16 18.71
C ILE A 48 -2.92 19.82 18.98
N ARG A 49 -2.88 20.67 19.99
CA ARG A 49 -1.65 21.38 20.31
C ARG A 49 -0.57 20.48 20.93
N GLN A 50 -0.97 19.42 21.64
CA GLN A 50 -0.05 18.42 22.17
C GLN A 50 0.62 17.64 21.04
N LEU A 51 -0.16 17.27 20.01
CA LEU A 51 0.40 16.63 18.81
C LEU A 51 1.42 17.58 18.16
N GLU A 52 1.03 18.85 18.06
CA GLU A 52 1.86 19.88 17.43
C GLU A 52 3.15 20.11 18.22
N LYS A 53 3.03 20.17 19.54
CA LYS A 53 4.19 20.41 20.40
C LYS A 53 5.22 19.31 20.18
N ASP A 54 4.74 18.08 20.05
CA ASP A 54 5.63 16.93 19.85
C ASP A 54 6.09 16.74 18.40
N GLY A 55 5.69 17.63 17.51
CA GLY A 55 6.05 17.55 16.07
C GLY A 55 5.41 16.37 15.36
N VAL A 56 4.24 15.93 15.82
CA VAL A 56 3.58 14.78 15.20
C VAL A 56 2.85 15.16 13.92
N ASN A 57 3.49 14.90 12.78
CA ASN A 57 2.94 15.22 11.50
C ASN A 57 2.27 14.03 10.83
N PHE A 58 2.63 12.83 11.27
CA PHE A 58 2.01 11.57 10.83
C PHE A 58 1.48 10.80 12.04
N ILE A 59 0.28 10.24 11.91
CA ILE A 59 -0.29 9.38 12.93
C ILE A 59 -0.51 7.96 12.37
N GLU A 60 -0.65 7.00 13.26
CA GLU A 60 -1.01 5.64 12.86
C GLU A 60 -2.47 5.55 12.39
N VAL A 61 -2.72 4.67 11.44
CA VAL A 61 -4.04 4.40 10.99
C VAL A 61 -4.12 2.88 10.88
N PRO A 62 -5.31 2.30 11.10
CA PRO A 62 -5.34 0.83 10.96
C PRO A 62 -4.87 0.38 9.57
N VAL A 63 -4.11 -0.69 9.51
CA VAL A 63 -3.60 -1.17 8.22
C VAL A 63 -4.74 -1.47 7.26
N GLU A 64 -5.87 -1.94 7.83
CA GLU A 64 -7.10 -2.20 7.11
C GLU A 64 -7.54 -1.03 6.27
N TYR A 65 -7.07 0.17 6.60
CA TYR A 65 -7.40 1.36 5.83
C TYR A 65 -7.01 1.20 4.36
N ILE A 66 -5.88 0.54 4.12
CA ILE A 66 -5.32 0.40 2.78
C ILE A 66 -6.03 -0.64 1.93
N VAL A 67 -6.88 -1.47 2.53
CA VAL A 67 -7.72 -2.41 1.77
C VAL A 67 -9.20 -2.02 1.82
N GLY A 68 -9.45 -0.75 2.19
CA GLY A 68 -10.78 -0.18 2.14
C GLY A 68 -11.75 -0.56 3.22
N LYS A 69 -11.27 -1.06 4.35
CA LYS A 69 -12.13 -1.56 5.40
C LYS A 69 -12.30 -0.52 6.51
N VAL A 70 -11.74 0.67 6.32
CA VAL A 70 -12.00 1.84 7.23
C VAL A 70 -12.48 2.98 6.37
N SER A 71 -13.66 3.52 6.70
CA SER A 71 -14.21 4.65 5.97
C SER A 71 -13.19 5.80 6.07
N ALA A 72 -13.01 6.51 4.97
CA ALA A 72 -11.94 7.48 4.85
C ALA A 72 -12.19 8.64 5.81
N LYS A 73 -11.07 9.17 6.31
CA LYS A 73 -11.10 10.17 7.37
C LYS A 73 -10.50 11.46 6.85
N ASP A 74 -11.24 12.56 7.00
CA ASP A 74 -10.76 13.84 6.50
C ASP A 74 -9.55 14.35 7.27
N TYR A 75 -9.27 13.76 8.44
CA TYR A 75 -8.17 14.21 9.26
C TYR A 75 -6.84 13.52 8.96
N VAL A 76 -6.83 12.68 7.92
CA VAL A 76 -5.56 12.22 7.34
C VAL A 76 -5.55 12.57 5.86
N ASN A 77 -4.36 12.83 5.36
CA ASN A 77 -4.19 13.22 3.97
C ASN A 77 -4.10 11.94 3.10
N GLU A 78 -5.11 11.78 2.25
CA GLU A 78 -5.30 10.60 1.38
C GLU A 78 -4.17 10.42 0.37
N ALA A 79 -3.48 11.52 0.05
CA ALA A 79 -2.33 11.51 -0.87
C ALA A 79 -1.05 11.07 -0.16
N THR A 80 -1.16 10.72 1.11
CA THR A 80 0.01 10.22 1.82
C THR A 80 -0.15 8.76 2.28
N GLY A 81 0.97 8.19 2.69
CA GLY A 81 0.93 6.89 3.31
C GLY A 81 2.31 6.31 3.45
N GLU A 82 2.60 5.77 4.63
CA GLU A 82 3.86 5.15 4.91
C GLU A 82 3.55 3.81 5.53
N LEU A 83 4.08 2.76 4.91
CA LEU A 83 3.86 1.41 5.41
C LEU A 83 5.17 0.91 5.98
N ILE A 84 5.16 0.48 7.24
CA ILE A 84 6.36 -0.03 7.91
C ILE A 84 6.14 -1.50 8.26
N ILE A 85 7.01 -2.34 7.74
CA ILE A 85 6.90 -3.80 7.94
C ILE A 85 8.15 -4.20 8.71
N THR A 86 7.96 -4.82 9.86
CA THR A 86 9.07 -5.42 10.61
C THR A 86 9.12 -6.86 10.18
N ALA A 87 10.27 -7.30 9.67
CA ALA A 87 10.32 -8.67 9.19
C ALA A 87 11.64 -9.34 9.51
N ASN A 88 11.56 -10.66 9.47
CA ASN A 88 12.70 -11.53 9.52
C ASN A 88 12.91 -11.99 8.09
N GLN A 89 14.01 -11.58 7.45
CA GLN A 89 14.33 -12.02 6.09
C GLN A 89 15.38 -13.10 6.15
N GLU A 90 15.01 -14.29 5.71
CA GLU A 90 15.88 -15.44 5.70
C GLU A 90 16.39 -15.70 4.30
N ILE A 91 17.69 -15.53 4.13
CA ILE A 91 18.34 -15.65 2.85
C ILE A 91 19.21 -16.89 2.82
N SER A 92 18.85 -17.86 1.96
CA SER A 92 19.64 -19.06 1.81
C SER A 92 20.73 -18.83 0.79
N LEU A 93 21.97 -18.75 1.26
CA LEU A 93 23.10 -18.48 0.34
C LEU A 93 23.31 -19.67 -0.58
N GLU A 94 23.11 -20.86 -0.02
CA GLU A 94 23.12 -22.08 -0.78
C GLU A 94 22.10 -22.05 -1.92
N ALA A 95 20.86 -21.65 -1.63
CA ALA A 95 19.80 -21.61 -2.65
C ALA A 95 20.13 -20.53 -3.68
N LEU A 96 20.60 -19.39 -3.23
CA LEU A 96 21.01 -18.33 -4.18
C LEU A 96 22.11 -18.77 -5.11
N ALA A 97 23.11 -19.47 -4.57
CA ALA A 97 24.24 -19.99 -5.38
C ALA A 97 23.73 -20.97 -6.44
N ASN A 98 22.69 -21.72 -6.09
CA ASN A 98 22.06 -22.70 -7.00
C ASN A 98 21.27 -22.03 -8.11
N LEU A 99 20.60 -20.91 -7.82
CA LEU A 99 19.98 -20.08 -8.85
C LEU A 99 21.08 -19.56 -9.76
N SER A 100 22.19 -19.14 -9.18
CA SER A 100 23.28 -18.52 -9.94
C SER A 100 23.92 -19.55 -10.85
N GLN A 101 24.19 -20.74 -10.30
CA GLN A 101 24.80 -21.87 -11.03
C GLN A 101 23.95 -22.31 -12.21
N ALA A 102 22.64 -22.23 -12.04
CA ALA A 102 21.69 -22.58 -13.08
C ALA A 102 21.46 -21.37 -13.96
N ALA B 1 23.26 -0.06 5.57
CA ALA B 1 23.79 -1.46 5.41
C ALA B 1 23.06 -2.18 4.30
N VAL B 2 21.77 -1.88 4.18
CA VAL B 2 20.94 -2.47 3.13
C VAL B 2 20.24 -1.35 2.39
N ASN B 3 20.50 -1.23 1.08
CA ASN B 3 19.77 -0.30 0.20
C ASN B 3 18.78 -1.02 -0.66
N PHE B 4 17.64 -0.41 -0.87
CA PHE B 4 16.62 -1.04 -1.63
C PHE B 4 16.29 -0.11 -2.76
N GLU B 5 16.89 -0.36 -3.92
CA GLU B 5 16.77 0.46 -5.11
C GLU B 5 15.58 0.00 -5.98
N VAL B 6 14.54 0.82 -6.01
CA VAL B 6 13.30 0.40 -6.68
C VAL B 6 13.40 0.64 -8.19
N LYS B 7 13.10 -0.39 -8.97
CA LYS B 7 13.20 -0.34 -10.43
C LYS B 7 11.83 -0.30 -11.08
N ASP B 8 10.82 -0.80 -10.38
CA ASP B 8 9.45 -0.74 -10.88
C ASP B 8 8.50 -1.01 -9.71
N GLN B 9 7.24 -0.66 -9.93
CA GLN B 9 6.24 -0.80 -8.89
C GLN B 9 4.87 -0.86 -9.50
N THR B 10 4.01 -1.70 -8.92
CA THR B 10 2.61 -1.69 -9.26
C THR B 10 1.79 -2.25 -8.12
N LEU B 11 0.49 -1.93 -8.13
CA LEU B 11 -0.47 -2.72 -7.36
C LEU B 11 -1.05 -3.80 -8.25
N MET B 12 -1.65 -4.81 -7.64
CA MET B 12 -2.56 -5.68 -8.33
C MET B 12 -3.81 -5.83 -7.48
N MET B 13 -4.96 -5.95 -8.14
CA MET B 13 -6.23 -6.12 -7.47
C MET B 13 -7.11 -7.06 -8.27
N GLU B 14 -7.96 -7.79 -7.56
CA GLU B 14 -8.92 -8.67 -8.16
C GLU B 14 -9.94 -7.90 -8.98
N LEU B 15 -10.18 -8.44 -10.15
CA LEU B 15 -11.02 -7.86 -11.13
C LEU B 15 -12.45 -8.37 -10.92
N VAL B 16 -13.42 -7.46 -11.11
CA VAL B 16 -14.85 -7.79 -11.14
C VAL B 16 -15.36 -7.48 -12.56
N PRO B 17 -15.26 -8.46 -13.46
CA PRO B 17 -15.40 -8.22 -14.89
C PRO B 17 -16.74 -7.61 -15.28
N GLU B 18 -17.79 -7.99 -14.56
CA GLU B 18 -19.16 -7.47 -14.77
C GLU B 18 -19.21 -5.96 -14.66
N ARG B 19 -18.40 -5.38 -13.76
CA ARG B 19 -18.42 -3.94 -13.53
C ARG B 19 -17.49 -3.17 -14.47
N LEU B 20 -16.63 -3.88 -15.19
CA LEU B 20 -15.67 -3.27 -16.13
C LEU B 20 -16.32 -3.02 -17.49
N ARG B 21 -17.01 -4.04 -18.00
CA ARG B 21 -17.69 -3.93 -19.29
C ARG B 21 -18.43 -2.59 -19.42
N GLY B 22 -18.20 -1.89 -20.53
CA GLY B 22 -18.90 -0.65 -20.79
C GLY B 22 -18.22 0.61 -20.28
N GLU B 23 -17.30 0.46 -19.32
CA GLU B 23 -16.57 1.61 -18.81
C GLU B 23 -15.45 2.00 -19.76
N THR B 24 -14.98 3.23 -19.64
CA THR B 24 -13.79 3.68 -20.36
C THR B 24 -12.61 3.61 -19.40
N ALA B 25 -11.55 2.91 -19.80
CA ALA B 25 -10.39 2.70 -18.95
C ALA B 25 -9.71 4.02 -18.62
N THR B 26 -9.28 4.19 -17.37
CA THR B 26 -8.42 5.31 -16.98
C THR B 26 -6.97 4.89 -16.76
N PHE B 27 -6.68 3.59 -16.86
CA PHE B 27 -5.33 3.06 -16.91
C PHE B 27 -5.39 1.79 -17.75
N ASP B 28 -4.27 1.43 -18.37
CA ASP B 28 -4.22 0.22 -19.21
C ASP B 28 -4.71 -0.95 -18.37
N ILE B 29 -5.61 -1.75 -18.94
CA ILE B 29 -6.07 -3.00 -18.29
C ILE B 29 -5.13 -4.08 -18.73
N GLU B 30 -4.34 -4.59 -17.78
CA GLU B 30 -3.12 -5.34 -18.09
C GLU B 30 -2.83 -6.42 -17.07
N ALA B 31 -2.25 -7.56 -17.54
CA ALA B 31 -1.73 -8.58 -16.64
C ALA B 31 -0.63 -9.36 -17.37
N ASP B 32 0.46 -9.63 -16.65
CA ASP B 32 1.55 -10.49 -17.13
C ASP B 32 2.04 -10.04 -18.50
N GLY B 33 2.22 -8.73 -18.60
CA GLY B 33 2.79 -8.08 -19.78
C GLY B 33 1.89 -7.93 -20.99
N LYS B 34 0.63 -8.31 -20.87
CA LYS B 34 -0.33 -8.18 -21.95
C LYS B 34 -1.34 -7.10 -21.63
N VAL B 35 -1.44 -6.10 -22.49
CA VAL B 35 -2.43 -5.03 -22.33
C VAL B 35 -3.69 -5.40 -23.12
N TYR B 36 -4.82 -5.56 -22.42
CA TYR B 36 -6.10 -5.92 -23.03
C TYR B 36 -6.87 -4.73 -23.57
N VAL B 37 -6.88 -3.64 -22.77
CA VAL B 37 -7.54 -2.40 -23.12
C VAL B 37 -6.63 -1.26 -22.68
N GLU B 38 -6.37 -0.31 -23.58
CA GLU B 38 -5.57 0.85 -23.25
C GLU B 38 -6.38 1.92 -22.54
N LYS B 39 -5.70 2.66 -21.68
CA LYS B 39 -6.20 3.90 -21.12
C LYS B 39 -6.93 4.72 -22.17
N GLY B 40 -8.13 5.20 -21.85
CA GLY B 40 -8.87 6.06 -22.74
C GLY B 40 -9.82 5.35 -23.66
N ARG B 41 -9.79 4.02 -23.65
CA ARG B 41 -10.67 3.24 -24.50
C ARG B 41 -11.76 2.50 -23.75
N ARG B 42 -12.84 2.24 -24.45
CA ARG B 42 -14.00 1.58 -23.86
C ARG B 42 -13.77 0.07 -23.82
N VAL B 43 -14.16 -0.54 -22.71
CA VAL B 43 -14.05 -1.98 -22.52
C VAL B 43 -15.25 -2.69 -23.18
N THR B 44 -14.96 -3.55 -24.13
CA THR B 44 -15.96 -4.27 -24.91
C THR B 44 -16.24 -5.67 -24.35
N ALA B 45 -17.31 -6.28 -24.86
CA ALA B 45 -17.65 -7.65 -24.44
C ALA B 45 -16.53 -8.57 -24.91
N ARG B 46 -15.94 -8.23 -26.05
CA ARG B 46 -14.81 -8.98 -26.57
C ARG B 46 -13.58 -8.92 -25.64
N HIS B 47 -13.38 -7.75 -25.03
CA HIS B 47 -12.28 -7.61 -24.08
C HIS B 47 -12.54 -8.52 -22.89
N ILE B 48 -13.77 -8.50 -22.39
CA ILE B 48 -14.16 -9.29 -21.24
C ILE B 48 -13.93 -10.77 -21.56
N ARG B 49 -14.29 -11.17 -22.77
CA ARG B 49 -14.06 -12.54 -23.20
C ARG B 49 -12.58 -12.91 -23.21
N GLN B 50 -11.73 -12.01 -23.72
CA GLN B 50 -10.30 -12.28 -23.77
C GLN B 50 -9.69 -12.44 -22.40
N LEU B 51 -10.08 -11.59 -21.46
CA LEU B 51 -9.59 -11.67 -20.08
C LEU B 51 -9.95 -13.04 -19.47
N GLU B 52 -11.20 -13.45 -19.67
CA GLU B 52 -11.72 -14.71 -19.14
C GLU B 52 -10.98 -15.91 -19.75
N LYS B 53 -10.81 -15.88 -21.07
CA LYS B 53 -10.09 -16.95 -21.77
C LYS B 53 -8.64 -17.08 -21.24
N ASP B 54 -7.96 -15.95 -20.99
CA ASP B 54 -6.61 -15.96 -20.45
C ASP B 54 -6.55 -16.19 -18.93
N GLY B 55 -7.70 -16.32 -18.30
CA GLY B 55 -7.76 -16.61 -16.85
C GLY B 55 -7.26 -15.45 -16.00
N VAL B 56 -7.55 -14.23 -16.46
CA VAL B 56 -7.09 -13.01 -15.76
C VAL B 56 -8.12 -12.58 -14.70
N ASN B 57 -7.81 -12.85 -13.43
CA ASN B 57 -8.64 -12.48 -12.30
C ASN B 57 -8.04 -11.40 -11.43
N PHE B 58 -6.77 -11.07 -11.65
CA PHE B 58 -6.13 -9.91 -11.04
C PHE B 58 -5.54 -9.06 -12.18
N ILE B 59 -5.66 -7.75 -12.06
CA ILE B 59 -5.05 -6.83 -13.01
C ILE B 59 -4.15 -5.84 -12.28
N GLU B 60 -3.29 -5.19 -13.04
CA GLU B 60 -2.42 -4.19 -12.47
C GLU B 60 -3.20 -2.92 -12.27
N VAL B 61 -2.87 -2.23 -11.19
CA VAL B 61 -3.47 -0.93 -10.88
C VAL B 61 -2.29 -0.04 -10.48
N PRO B 62 -2.27 1.20 -11.00
CA PRO B 62 -1.13 2.08 -10.70
C PRO B 62 -1.04 2.35 -9.20
N VAL B 63 0.19 2.44 -8.66
CA VAL B 63 0.35 2.79 -7.25
C VAL B 63 -0.33 4.12 -6.90
N GLU B 64 -0.43 5.04 -7.87
CA GLU B 64 -1.18 6.30 -7.70
C GLU B 64 -2.57 6.06 -7.13
N TYR B 65 -3.16 4.91 -7.45
CA TYR B 65 -4.47 4.55 -6.92
C TYR B 65 -4.51 4.58 -5.41
N ILE B 66 -3.41 4.19 -4.75
CA ILE B 66 -3.39 4.09 -3.30
C ILE B 66 -3.25 5.40 -2.55
N VAL B 67 -2.85 6.45 -3.26
CA VAL B 67 -2.75 7.78 -2.72
C VAL B 67 -3.75 8.72 -3.40
N GLY B 68 -4.76 8.14 -4.02
CA GLY B 68 -5.92 8.89 -4.52
C GLY B 68 -5.71 9.64 -5.82
N LYS B 69 -4.56 9.49 -6.44
CA LYS B 69 -4.26 10.24 -7.67
C LYS B 69 -4.97 9.61 -8.88
N VAL B 70 -5.29 8.34 -8.78
CA VAL B 70 -6.16 7.66 -9.72
C VAL B 70 -7.40 7.32 -8.93
N SER B 71 -8.56 7.78 -9.37
CA SER B 71 -9.74 7.65 -8.54
C SER B 71 -10.34 6.23 -8.56
N ALA B 72 -11.01 5.91 -7.47
CA ALA B 72 -11.53 4.59 -7.19
C ALA B 72 -12.46 4.07 -8.27
N LYS B 73 -12.42 2.76 -8.48
CA LYS B 73 -13.24 2.11 -9.50
C LYS B 73 -13.91 0.86 -8.95
N ASP B 74 -15.16 0.66 -9.37
CA ASP B 74 -15.98 -0.47 -8.96
C ASP B 74 -15.51 -1.81 -9.41
N TYR B 75 -14.68 -1.85 -10.45
CA TYR B 75 -14.32 -3.10 -11.06
C TYR B 75 -13.01 -3.68 -10.50
N VAL B 76 -12.41 -3.02 -9.52
CA VAL B 76 -11.29 -3.63 -8.81
C VAL B 76 -11.64 -3.65 -7.34
N ASN B 77 -11.27 -4.75 -6.67
CA ASN B 77 -11.63 -4.99 -5.31
C ASN B 77 -10.47 -4.59 -4.40
N GLU B 78 -10.63 -3.47 -3.70
CA GLU B 78 -9.53 -2.96 -2.85
C GLU B 78 -9.20 -3.90 -1.73
N ALA B 79 -10.15 -4.76 -1.33
CA ALA B 79 -9.89 -5.71 -0.24
C ALA B 79 -8.81 -6.72 -0.58
N THR B 80 -8.51 -6.85 -1.87
CA THR B 80 -7.66 -7.91 -2.39
C THR B 80 -6.24 -7.44 -2.77
N GLY B 81 -5.95 -6.17 -2.46
CA GLY B 81 -4.81 -5.50 -3.08
C GLY B 81 -3.46 -6.11 -2.71
N GLU B 82 -2.53 -5.97 -3.63
CA GLU B 82 -1.13 -6.31 -3.46
C GLU B 82 -0.28 -5.15 -3.95
N LEU B 83 0.91 -5.01 -3.38
CA LEU B 83 1.89 -4.04 -3.81
C LEU B 83 3.11 -4.86 -4.22
N ILE B 84 3.52 -4.74 -5.48
CA ILE B 84 4.65 -5.49 -5.99
C ILE B 84 5.77 -4.49 -6.29
N ILE B 85 6.87 -4.63 -5.56
CA ILE B 85 8.02 -3.75 -5.69
C ILE B 85 9.15 -4.54 -6.34
N THR B 86 9.61 -4.10 -7.51
CA THR B 86 10.73 -4.72 -8.20
C THR B 86 11.94 -3.89 -7.81
N ALA B 87 12.94 -4.55 -7.23
CA ALA B 87 14.07 -3.82 -6.64
C ALA B 87 15.37 -4.59 -6.69
N ASN B 88 16.48 -3.84 -6.60
CA ASN B 88 17.75 -4.41 -6.24
C ASN B 88 17.99 -4.16 -4.77
N GLN B 89 18.01 -5.24 -3.99
CA GLN B 89 18.32 -5.17 -2.56
C GLN B 89 19.83 -5.33 -2.44
N GLU B 90 20.49 -4.23 -2.07
CA GLU B 90 21.96 -4.16 -2.03
C GLU B 90 22.36 -4.33 -0.60
N ILE B 91 22.86 -5.51 -0.30
CA ILE B 91 23.22 -5.88 1.07
C ILE B 91 24.73 -5.79 1.23
N SER B 92 25.18 -4.86 2.09
CA SER B 92 26.61 -4.73 2.34
C SER B 92 27.00 -5.73 3.45
N LEU B 93 27.73 -6.77 3.05
CA LEU B 93 28.18 -7.78 4.02
C LEU B 93 29.19 -7.16 4.96
N GLU B 94 30.02 -6.27 4.44
CA GLU B 94 30.93 -5.50 5.29
C GLU B 94 30.12 -4.77 6.38
N ALA B 95 29.02 -4.13 5.99
CA ALA B 95 28.23 -3.37 6.95
C ALA B 95 27.55 -4.28 7.98
N LEU B 96 27.04 -5.43 7.53
CA LEU B 96 26.43 -6.36 8.46
C LEU B 96 27.45 -6.87 9.48
N ALA B 97 28.66 -7.14 9.02
CA ALA B 97 29.73 -7.57 9.92
C ALA B 97 30.06 -6.46 10.93
N ASN B 98 30.13 -5.24 10.44
CA ASN B 98 30.30 -4.07 11.31
C ASN B 98 29.21 -3.96 12.39
N LEU B 99 27.95 -4.12 12.00
CA LEU B 99 26.83 -4.09 12.92
C LEU B 99 26.94 -5.21 13.93
N SER B 100 27.42 -6.37 13.49
CA SER B 100 27.48 -7.52 14.40
C SER B 100 28.52 -7.33 15.51
N GLN B 101 29.49 -6.48 15.25
CA GLN B 101 30.60 -6.28 16.17
C GLN B 101 30.30 -5.14 17.12
#